data_6SMF
#
_entry.id   6SMF
#
_cell.length_a   133.627
_cell.length_b   133.627
_cell.length_c   101.670
_cell.angle_alpha   90.000
_cell.angle_beta   90.000
_cell.angle_gamma   120.000
#
_symmetry.space_group_name_H-M   'H 3'
#
loop_
_entity.id
_entity.type
_entity.pdbx_description
1 polymer '3-dehydroquinate dehydratase'
2 non-polymer 'CITRATE ANION'
3 non-polymer 2-AMINO-2-HYDROXYMETHYL-PROPANE-1,3-DIOL
4 non-polymer 'SULFATE ION'
5 non-polymer GLYCEROL
6 water water
#
_entity_poly.entity_id   1
_entity_poly.type   'polypeptide(L)'
_entity_poly.pdbx_seq_one_letter_code
;GSHMAKKPTIFILNGPNLNLLGLREPTIYGHQTLEDIANKLKLQAEKLDVTVEIRQSNHEGALIDWLQEAQAVKAKAVIL
NAAAYTHTSVAIYDAIRAITVPVIEVHLSNPHAREAFRHKSYVGEAALGTISGFGAESYSLALDAAAKL
;
_entity_poly.pdbx_strand_id   A,B,C,D
#
loop_
_chem_comp.id
_chem_comp.type
_chem_comp.name
_chem_comp.formula
FLC non-polymer 'CITRATE ANION' 'C6 H5 O7 -3'
GOL non-polymer GLYCEROL 'C3 H8 O3'
SO4 non-polymer 'SULFATE ION' 'O4 S -2'
TRS non-polymer 2-AMINO-2-HYDROXYMETHYL-PROPANE-1,3-DIOL 'C4 H12 N O3 1'
#
# COMPACT_ATOMS: atom_id res chain seq x y z
N LYS A 6 -3.93 26.72 18.03
CA LYS A 6 -3.58 25.96 16.80
C LYS A 6 -4.90 25.51 16.15
N LYS A 7 -5.01 25.67 14.83
CA LYS A 7 -6.01 24.94 14.01
C LYS A 7 -5.58 23.46 14.01
N PRO A 8 -6.53 22.51 14.20
CA PRO A 8 -6.24 21.09 14.05
C PRO A 8 -5.55 20.89 12.70
N THR A 9 -4.50 20.06 12.65
CA THR A 9 -3.80 19.76 11.38
C THR A 9 -4.23 18.37 10.89
N ILE A 10 -4.51 18.25 9.59
CA ILE A 10 -4.92 16.95 8.97
C ILE A 10 -3.93 16.62 7.87
N PHE A 11 -3.14 15.56 8.05
CA PHE A 11 -2.23 15.00 7.02
C PHE A 11 -3.09 14.37 5.91
N ILE A 12 -2.69 14.65 4.67
CA ILE A 12 -3.27 14.04 3.45
C ILE A 12 -2.09 13.47 2.69
N LEU A 13 -2.02 12.13 2.64
CA LEU A 13 -0.82 11.41 2.16
C LEU A 13 -1.18 10.64 0.89
N ASN A 14 -0.43 10.89 -0.18
CA ASN A 14 -0.65 10.30 -1.51
C ASN A 14 0.54 9.38 -1.83
N GLY A 15 0.24 8.17 -2.25
CA GLY A 15 1.24 7.17 -2.59
C GLY A 15 1.65 7.26 -4.04
N PRO A 16 2.23 6.18 -4.56
CA PRO A 16 2.97 6.21 -5.81
C PRO A 16 2.04 6.47 -7.00
N ASN A 17 2.59 7.18 -7.97
CA ASN A 17 2.01 7.38 -9.32
C ASN A 17 0.87 8.43 -9.30
N LEU A 18 0.36 8.81 -8.14
CA LEU A 18 -0.70 9.84 -8.09
C LEU A 18 -0.15 11.20 -8.53
N ASN A 19 1.16 11.39 -8.37
CA ASN A 19 1.88 12.58 -8.91
C ASN A 19 1.72 12.68 -10.43
N LEU A 20 1.28 11.63 -11.14
CA LEU A 20 1.17 11.63 -12.64
C LEU A 20 -0.25 12.00 -13.10
N LEU A 21 -1.17 12.15 -12.15
CA LEU A 21 -2.58 12.50 -12.42
C LEU A 21 -2.63 13.68 -13.38
N GLY A 22 -3.45 13.54 -14.42
CA GLY A 22 -3.67 14.55 -15.44
C GLY A 22 -2.54 14.68 -16.41
N LEU A 23 -1.31 14.23 -16.19
CA LEU A 23 -0.18 14.53 -17.14
C LEU A 23 -0.39 13.76 -18.45
N ARG A 24 -0.39 12.43 -18.37
CA ARG A 24 -0.50 11.50 -19.51
C ARG A 24 -1.79 11.80 -20.26
N GLU A 25 -1.68 12.22 -21.53
CA GLU A 25 -2.78 12.39 -22.52
C GLU A 25 -4.06 12.87 -21.82
N PRO A 26 -4.15 14.17 -21.42
CA PRO A 26 -5.21 14.65 -20.54
C PRO A 26 -6.63 14.57 -21.15
N THR A 27 -6.69 14.82 -22.46
CA THR A 27 -7.85 14.71 -23.37
C THR A 27 -8.31 13.24 -23.48
N ILE A 28 -7.74 12.30 -22.71
CA ILE A 28 -8.19 10.87 -22.58
C ILE A 28 -8.38 10.50 -21.10
N TYR A 29 -7.35 10.58 -20.23
CA TYR A 29 -7.27 10.14 -18.79
C TYR A 29 -7.91 11.12 -17.77
N GLY A 30 -8.24 12.36 -18.18
CA GLY A 30 -9.00 13.36 -17.38
C GLY A 30 -8.18 14.48 -16.72
N HIS A 31 -7.84 15.52 -17.49
CA HIS A 31 -7.42 16.93 -17.22
C HIS A 31 -6.87 17.25 -15.81
N GLN A 32 -7.59 16.91 -14.76
CA GLN A 32 -7.28 17.37 -13.38
C GLN A 32 -6.00 16.71 -12.85
N THR A 33 -5.15 17.49 -12.16
CA THR A 33 -3.80 17.09 -11.64
C THR A 33 -3.79 17.01 -10.12
N LEU A 34 -2.69 16.49 -9.54
CA LEU A 34 -2.61 16.29 -8.07
C LEU A 34 -2.51 17.65 -7.39
N GLU A 35 -1.84 18.62 -8.02
CA GLU A 35 -1.75 20.04 -7.53
C GLU A 35 -3.17 20.64 -7.47
N ASP A 36 -3.93 20.53 -8.56
CA ASP A 36 -5.33 21.03 -8.66
C ASP A 36 -6.12 20.54 -7.44
N ILE A 37 -5.93 19.29 -7.06
CA ILE A 37 -6.66 18.65 -5.93
C ILE A 37 -6.17 19.25 -4.60
N ALA A 38 -4.85 19.42 -4.47
CA ALA A 38 -4.18 20.10 -3.33
C ALA A 38 -4.76 21.51 -3.18
N ASN A 39 -4.95 22.22 -4.29
CA ASN A 39 -5.48 23.61 -4.28
C ASN A 39 -6.94 23.57 -3.82
N LYS A 40 -7.75 22.66 -4.38
CA LYS A 40 -9.18 22.49 -3.98
C LYS A 40 -9.24 22.34 -2.45
N LEU A 41 -8.34 21.48 -1.91
CA LEU A 41 -8.35 20.98 -0.52
C LEU A 41 -7.91 22.08 0.44
N LYS A 42 -6.85 22.81 0.09
CA LYS A 42 -6.34 23.98 0.87
C LYS A 42 -7.46 25.02 1.08
N LEU A 43 -8.27 25.25 0.03
CA LEU A 43 -9.45 26.19 0.05
C LEU A 43 -10.56 25.63 0.93
N GLN A 44 -10.84 24.33 0.81
CA GLN A 44 -11.90 23.65 1.59
C GLN A 44 -11.51 23.76 3.07
N ALA A 45 -10.20 23.63 3.33
CA ALA A 45 -9.58 23.63 4.67
C ALA A 45 -9.76 25.00 5.32
N GLU A 46 -9.67 26.08 4.54
CA GLU A 46 -9.99 27.46 5.00
C GLU A 46 -11.46 27.49 5.44
N LYS A 47 -12.41 27.05 4.59
CA LYS A 47 -13.86 27.05 4.92
C LYS A 47 -14.10 26.25 6.22
N LEU A 48 -13.23 25.29 6.56
CA LEU A 48 -13.48 24.27 7.64
C LEU A 48 -12.68 24.60 8.91
N ASP A 49 -11.73 25.52 8.79
CA ASP A 49 -10.89 26.01 9.90
C ASP A 49 -9.92 24.94 10.40
N VAL A 50 -9.24 24.29 9.45
CA VAL A 50 -8.21 23.26 9.74
C VAL A 50 -7.03 23.53 8.81
N THR A 51 -5.80 23.20 9.24
CA THR A 51 -4.65 23.23 8.31
C THR A 51 -4.51 21.80 7.79
N VAL A 52 -3.90 21.69 6.62
CA VAL A 52 -3.92 20.44 5.82
C VAL A 52 -2.48 20.25 5.34
N GLU A 53 -1.83 19.13 5.65
CA GLU A 53 -0.42 18.91 5.23
C GLU A 53 -0.45 17.82 4.18
N ILE A 54 -0.17 18.18 2.93
CA ILE A 54 -0.39 17.35 1.71
C ILE A 54 0.97 16.92 1.18
N ARG A 55 1.17 15.62 0.99
CA ARG A 55 2.45 15.02 0.59
C ARG A 55 2.20 13.84 -0.37
N GLN A 56 3.21 13.49 -1.14
CA GLN A 56 3.18 12.37 -2.10
C GLN A 56 4.57 11.76 -2.11
N SER A 57 4.64 10.44 -2.26
CA SER A 57 5.91 9.72 -2.45
C SER A 57 5.60 8.43 -3.18
N ASN A 58 6.57 7.98 -3.97
CA ASN A 58 6.57 6.65 -4.62
C ASN A 58 7.12 5.62 -3.63
N HIS A 59 7.49 6.02 -2.40
CA HIS A 59 8.19 5.13 -1.43
C HIS A 59 7.22 4.71 -0.33
N GLU A 60 7.06 3.41 -0.17
CA GLU A 60 6.24 2.79 0.90
C GLU A 60 6.73 3.34 2.24
N GLY A 61 8.05 3.34 2.45
CA GLY A 61 8.65 3.82 3.70
C GLY A 61 8.24 5.25 4.02
N ALA A 62 8.16 6.12 3.02
CA ALA A 62 7.75 7.54 3.25
C ALA A 62 6.34 7.59 3.87
N LEU A 63 5.39 6.81 3.36
CA LEU A 63 4.00 6.84 3.89
C LEU A 63 4.01 6.42 5.36
N ILE A 64 4.85 5.47 5.72
CA ILE A 64 4.92 4.98 7.13
C ILE A 64 5.53 6.09 7.99
N ASP A 65 6.68 6.65 7.59
CA ASP A 65 7.33 7.80 8.29
C ASP A 65 6.25 8.87 8.56
N TRP A 66 5.46 9.20 7.54
CA TRP A 66 4.43 10.28 7.60
C TRP A 66 3.28 9.87 8.53
N LEU A 67 2.84 8.62 8.49
CA LEU A 67 1.82 8.16 9.45
C LEU A 67 2.37 8.36 10.86
N GLN A 68 3.64 8.01 11.09
CA GLN A 68 4.22 8.06 12.46
C GLN A 68 4.39 9.52 12.87
N GLU A 69 4.80 10.35 11.91
CA GLU A 69 5.01 11.81 12.09
C GLU A 69 3.66 12.46 12.45
N ALA A 70 2.56 12.01 11.85
CA ALA A 70 1.23 12.55 12.19
C ALA A 70 0.93 12.22 13.66
N GLN A 71 1.28 11.04 14.16
CA GLN A 71 0.97 10.77 15.59
C GLN A 71 1.83 11.66 16.50
N ALA A 72 3.08 11.92 16.12
CA ALA A 72 4.11 12.64 16.94
C ALA A 72 3.68 14.09 17.13
N VAL A 73 2.89 14.60 16.20
CA VAL A 73 2.52 16.02 16.00
C VAL A 73 1.06 16.19 16.48
N LYS A 74 0.49 15.11 17.04
CA LYS A 74 -0.91 15.00 17.53
C LYS A 74 -1.90 15.51 16.48
N ALA A 75 -1.64 15.22 15.20
CA ALA A 75 -2.59 15.52 14.10
C ALA A 75 -3.97 14.94 14.43
N LYS A 76 -5.01 15.59 13.92
CA LYS A 76 -6.41 15.24 14.22
C LYS A 76 -6.82 14.00 13.41
N ALA A 77 -6.29 13.88 12.19
CA ALA A 77 -6.64 12.79 11.23
C ALA A 77 -5.59 12.65 10.13
N VAL A 78 -5.56 11.49 9.47
CA VAL A 78 -4.81 11.25 8.20
C VAL A 78 -5.81 10.78 7.14
N ILE A 79 -5.75 11.43 6.00
CA ILE A 79 -6.45 10.98 4.77
C ILE A 79 -5.36 10.31 3.95
N LEU A 80 -5.52 9.03 3.64
CA LEU A 80 -4.44 8.21 3.03
C LEU A 80 -4.96 7.57 1.75
N ASN A 81 -4.31 7.90 0.65
CA ASN A 81 -4.44 7.20 -0.65
C ASN A 81 -3.08 6.56 -0.92
N ALA A 82 -2.88 5.32 -0.46
CA ALA A 82 -1.63 4.55 -0.61
C ALA A 82 -1.44 4.07 -2.05
N ALA A 83 -2.37 4.36 -2.95
CA ALA A 83 -2.34 3.89 -4.37
C ALA A 83 -2.02 2.39 -4.40
N ALA A 84 -1.04 1.91 -5.19
CA ALA A 84 -0.81 0.46 -5.35
C ALA A 84 -0.39 -0.18 -4.03
N TYR A 85 0.20 0.56 -3.09
CA TYR A 85 0.71 -0.03 -1.84
C TYR A 85 -0.49 -0.45 -0.98
N THR A 86 -1.68 0.10 -1.26
CA THR A 86 -2.95 -0.31 -0.58
C THR A 86 -3.11 -1.83 -0.65
N HIS A 87 -2.67 -2.45 -1.74
CA HIS A 87 -2.90 -3.87 -2.06
C HIS A 87 -1.71 -4.74 -1.63
N THR A 88 -0.59 -4.17 -1.19
CA THR A 88 0.64 -4.96 -0.87
C THR A 88 1.13 -4.71 0.57
N SER A 89 0.81 -3.57 1.19
CA SER A 89 1.60 -3.11 2.37
C SER A 89 0.99 -3.58 3.71
N VAL A 90 1.49 -4.70 4.21
CA VAL A 90 1.30 -5.10 5.62
C VAL A 90 1.92 -4.02 6.51
N ALA A 91 3.00 -3.39 6.07
CA ALA A 91 3.72 -2.43 6.94
C ALA A 91 2.86 -1.18 7.13
N ILE A 92 2.11 -0.74 6.08
CA ILE A 92 1.18 0.41 6.23
C ILE A 92 0.00 0.01 7.13
N TYR A 93 -0.46 -1.24 7.02
CA TYR A 93 -1.57 -1.76 7.85
C TYR A 93 -1.12 -1.64 9.32
N ASP A 94 0.10 -2.04 9.62
CA ASP A 94 0.63 -2.07 11.02
C ASP A 94 0.81 -0.63 11.51
N ALA A 95 1.32 0.27 10.66
CA ALA A 95 1.50 1.70 10.99
C ALA A 95 0.15 2.30 11.42
N ILE A 96 -0.90 2.11 10.63
CA ILE A 96 -2.26 2.61 10.94
C ILE A 96 -2.72 2.03 12.28
N ARG A 97 -2.58 0.72 12.46
CA ARG A 97 -3.01 0.10 13.71
C ARG A 97 -2.18 0.58 14.93
N ALA A 98 -0.89 0.87 14.76
CA ALA A 98 0.02 1.24 15.89
C ALA A 98 -0.29 2.67 16.36
N ILE A 99 -0.61 3.57 15.44
CA ILE A 99 -0.90 5.01 15.76
C ILE A 99 -2.36 5.15 16.20
N THR A 100 -2.63 6.17 17.02
CA THR A 100 -3.97 6.47 17.60
C THR A 100 -4.75 7.47 16.75
N VAL A 101 -4.07 8.18 15.85
CA VAL A 101 -4.70 9.14 14.89
C VAL A 101 -5.59 8.33 13.96
N PRO A 102 -6.90 8.67 13.83
CA PRO A 102 -7.76 8.04 12.83
C PRO A 102 -7.24 8.23 11.39
N VAL A 103 -7.34 7.17 10.59
CA VAL A 103 -6.99 7.16 9.15
C VAL A 103 -8.26 6.91 8.33
N ILE A 104 -8.48 7.77 7.34
CA ILE A 104 -9.51 7.59 6.29
C ILE A 104 -8.84 7.18 4.98
N GLU A 105 -9.22 6.02 4.47
CA GLU A 105 -8.75 5.53 3.16
C GLU A 105 -9.48 6.33 2.08
N VAL A 106 -8.74 6.79 1.07
CA VAL A 106 -9.28 7.49 -0.12
C VAL A 106 -8.75 6.85 -1.40
N HIS A 107 -9.64 6.67 -2.37
CA HIS A 107 -9.31 6.35 -3.77
C HIS A 107 -10.15 7.25 -4.69
N LEU A 108 -9.50 7.77 -5.73
CA LEU A 108 -10.15 8.46 -6.84
C LEU A 108 -11.11 7.50 -7.53
N SER A 109 -10.62 6.34 -7.95
CA SER A 109 -11.42 5.33 -8.69
C SER A 109 -12.03 4.40 -7.65
N ASN A 110 -12.92 3.52 -8.08
CA ASN A 110 -13.48 2.46 -7.24
C ASN A 110 -12.62 1.22 -7.48
N PRO A 111 -11.74 0.85 -6.54
CA PRO A 111 -10.82 -0.26 -6.79
C PRO A 111 -11.56 -1.61 -6.95
N HIS A 112 -12.74 -1.78 -6.36
CA HIS A 112 -13.53 -3.03 -6.44
C HIS A 112 -14.04 -3.17 -7.88
N ALA A 113 -14.07 -2.06 -8.66
CA ALA A 113 -14.56 -2.09 -10.05
C ALA A 113 -13.40 -2.45 -11.00
N ARG A 114 -12.22 -2.68 -10.47
CA ARG A 114 -11.01 -2.91 -11.30
C ARG A 114 -10.55 -4.37 -11.16
N GLU A 115 -9.28 -4.61 -11.46
CA GLU A 115 -8.58 -5.91 -11.36
C GLU A 115 -8.82 -6.45 -9.95
N ALA A 116 -9.03 -7.76 -9.85
CA ALA A 116 -9.19 -8.54 -8.60
C ALA A 116 -8.06 -8.23 -7.61
N PHE A 117 -6.81 -8.02 -8.06
CA PHE A 117 -5.74 -7.77 -7.09
C PHE A 117 -5.99 -6.44 -6.39
N ARG A 118 -6.80 -5.53 -6.89
CA ARG A 118 -7.07 -4.25 -6.17
C ARG A 118 -8.23 -4.41 -5.19
N HIS A 119 -8.94 -5.56 -5.15
CA HIS A 119 -10.00 -5.82 -4.16
C HIS A 119 -9.40 -5.89 -2.76
N LYS A 120 -8.12 -6.24 -2.62
CA LYS A 120 -7.46 -6.35 -1.31
C LYS A 120 -7.03 -4.97 -0.84
N SER A 121 -7.42 -4.58 0.36
CA SER A 121 -6.98 -3.29 0.91
C SER A 121 -6.41 -3.46 2.33
N TYR A 122 -5.08 -3.53 2.44
CA TYR A 122 -4.41 -3.57 3.76
C TYR A 122 -4.75 -2.26 4.49
N VAL A 123 -4.86 -1.14 3.78
CA VAL A 123 -5.27 0.12 4.45
C VAL A 123 -6.68 -0.01 5.03
N GLY A 124 -7.62 -0.43 4.21
CA GLY A 124 -9.03 -0.60 4.60
C GLY A 124 -9.19 -1.55 5.79
N GLU A 125 -8.32 -2.54 5.91
CA GLU A 125 -8.41 -3.52 7.02
C GLU A 125 -8.04 -2.85 8.35
N ALA A 126 -7.36 -1.71 8.33
CA ALA A 126 -6.81 -1.06 9.55
C ALA A 126 -7.44 0.31 9.80
N ALA A 127 -8.01 0.93 8.75
CA ALA A 127 -8.51 2.30 8.78
C ALA A 127 -9.88 2.35 9.44
N LEU A 128 -10.27 3.57 9.81
CA LEU A 128 -11.57 3.87 10.38
C LEU A 128 -12.60 3.62 9.29
N GLY A 129 -12.29 4.08 8.10
CA GLY A 129 -13.31 4.25 7.03
C GLY A 129 -12.63 4.47 5.71
N THR A 130 -13.43 4.40 4.64
CA THR A 130 -12.99 4.38 3.23
C THR A 130 -13.97 5.21 2.41
N ILE A 131 -13.43 6.09 1.57
CA ILE A 131 -14.18 6.82 0.53
C ILE A 131 -13.52 6.55 -0.80
N SER A 132 -14.26 5.93 -1.72
CA SER A 132 -13.74 5.51 -3.05
C SER A 132 -14.67 5.98 -4.15
N GLY A 133 -14.10 6.46 -5.26
CA GLY A 133 -14.73 6.38 -6.58
C GLY A 133 -15.25 7.71 -7.06
N PHE A 134 -15.03 8.79 -6.30
CA PHE A 134 -15.64 10.12 -6.58
C PHE A 134 -14.60 11.08 -7.16
N GLY A 135 -13.50 10.56 -7.71
CA GLY A 135 -12.33 11.37 -8.11
C GLY A 135 -11.89 12.26 -6.97
N ALA A 136 -11.68 13.55 -7.26
CA ALA A 136 -11.23 14.58 -6.29
C ALA A 136 -12.25 14.70 -5.13
N GLU A 137 -13.54 14.58 -5.44
CA GLU A 137 -14.64 14.60 -4.44
C GLU A 137 -14.38 13.55 -3.35
N SER A 138 -13.68 12.43 -3.64
CA SER A 138 -13.30 11.41 -2.62
C SER A 138 -12.51 12.12 -1.49
N TYR A 139 -11.52 12.92 -1.84
CA TYR A 139 -10.72 13.72 -0.88
C TYR A 139 -11.61 14.75 -0.16
N SER A 140 -12.42 15.51 -0.90
CA SER A 140 -13.23 16.60 -0.31
C SER A 140 -14.16 16.01 0.78
N LEU A 141 -14.84 14.89 0.50
CA LEU A 141 -15.73 14.16 1.45
C LEU A 141 -14.94 13.70 2.68
N ALA A 142 -13.75 13.17 2.43
CA ALA A 142 -12.82 12.69 3.46
C ALA A 142 -12.46 13.89 4.36
N LEU A 143 -12.20 15.05 3.79
CA LEU A 143 -11.76 16.23 4.57
C LEU A 143 -12.94 16.73 5.44
N ASP A 144 -14.19 16.73 4.93
CA ASP A 144 -15.40 17.10 5.74
CA ASP A 144 -15.40 17.10 5.74
C ASP A 144 -15.52 16.10 6.91
N ALA A 145 -15.44 14.80 6.62
CA ALA A 145 -15.67 13.76 7.65
C ALA A 145 -14.60 13.88 8.75
N ALA A 146 -13.35 14.16 8.30
CA ALA A 146 -12.11 14.28 9.08
C ALA A 146 -12.17 15.49 10.01
N ALA A 147 -12.72 16.61 9.53
CA ALA A 147 -12.95 17.83 10.33
C ALA A 147 -13.94 17.53 11.45
N LYS A 148 -14.99 16.72 11.21
CA LYS A 148 -16.10 16.45 12.17
C LYS A 148 -15.68 15.36 13.17
N LEU A 149 -14.42 14.87 13.15
CA LEU A 149 -14.01 13.69 13.96
C LEU A 149 -13.68 14.15 15.38
N LYS B 6 20.55 15.27 -30.68
CA LYS B 6 19.69 14.35 -31.44
C LYS B 6 19.40 13.09 -30.60
N LYS B 7 20.27 12.67 -29.68
CA LYS B 7 20.45 11.21 -29.35
C LYS B 7 19.39 10.59 -28.40
N PRO B 8 18.70 9.52 -28.86
CA PRO B 8 17.74 8.82 -28.01
C PRO B 8 18.44 8.41 -26.70
N THR B 9 17.80 8.61 -25.55
CA THR B 9 18.34 8.11 -24.27
C THR B 9 17.50 6.88 -23.84
N ILE B 10 18.16 5.82 -23.38
CA ILE B 10 17.50 4.58 -22.91
C ILE B 10 17.92 4.32 -21.47
N PHE B 11 16.97 4.40 -20.54
CA PHE B 11 17.15 4.04 -19.12
C PHE B 11 17.30 2.52 -19.01
N ILE B 12 18.23 2.08 -18.18
CA ILE B 12 18.48 0.67 -17.84
C ILE B 12 18.50 0.62 -16.33
N LEU B 13 17.47 0.02 -15.73
CA LEU B 13 17.19 0.15 -14.28
C LEU B 13 17.28 -1.23 -13.65
N ASN B 14 18.16 -1.37 -12.65
CA ASN B 14 18.45 -2.64 -11.95
C ASN B 14 17.95 -2.53 -10.52
N GLY B 15 17.18 -3.53 -10.08
CA GLY B 15 16.60 -3.56 -8.74
C GLY B 15 17.54 -4.23 -7.74
N PRO B 16 16.99 -4.68 -6.61
CA PRO B 16 17.77 -5.06 -5.45
C PRO B 16 18.65 -6.28 -5.70
N ASN B 17 19.83 -6.27 -5.06
CA ASN B 17 20.77 -7.40 -4.96
C ASN B 17 21.58 -7.59 -6.27
N LEU B 18 21.17 -6.99 -7.37
CA LEU B 18 21.93 -7.16 -8.64
C LEU B 18 23.32 -6.50 -8.53
N ASN B 19 23.45 -5.51 -7.65
CA ASN B 19 24.72 -4.85 -7.31
C ASN B 19 25.72 -5.89 -6.77
N LEU B 20 25.27 -7.09 -6.35
CA LEU B 20 26.13 -8.13 -5.70
C LEU B 20 26.63 -9.16 -6.71
N LEU B 21 26.20 -9.03 -7.95
CA LEU B 21 26.56 -9.97 -9.04
C LEU B 21 28.09 -10.14 -9.07
N GLY B 22 28.53 -11.41 -9.11
CA GLY B 22 29.93 -11.85 -9.08
C GLY B 22 30.64 -11.27 -7.88
N LEU B 23 30.33 -11.69 -6.65
CA LEU B 23 31.10 -11.29 -5.44
C LEU B 23 31.25 -12.49 -4.50
N ARG B 24 30.13 -13.08 -4.05
CA ARG B 24 30.10 -14.31 -3.23
C ARG B 24 30.86 -15.42 -3.98
N GLU B 25 31.97 -15.91 -3.39
CA GLU B 25 32.79 -17.06 -3.86
C GLU B 25 32.80 -17.11 -5.40
N PRO B 26 33.58 -16.24 -6.09
CA PRO B 26 33.48 -16.07 -7.56
C PRO B 26 33.88 -17.33 -8.35
N THR B 27 34.91 -18.04 -7.87
CA THR B 27 35.42 -19.33 -8.40
C THR B 27 34.39 -20.45 -8.15
N ILE B 28 33.15 -20.14 -7.71
CA ILE B 28 31.99 -21.08 -7.59
C ILE B 28 30.76 -20.51 -8.33
N TYR B 29 30.21 -19.35 -7.93
CA TYR B 29 28.91 -18.77 -8.43
C TYR B 29 29.11 -17.73 -9.57
N GLY B 30 30.29 -17.65 -10.21
CA GLY B 30 30.53 -16.89 -11.47
C GLY B 30 31.34 -15.62 -11.25
N HIS B 31 32.13 -15.18 -12.24
CA HIS B 31 33.11 -14.06 -12.15
C HIS B 31 32.49 -12.69 -12.53
N GLN B 32 31.57 -12.63 -13.50
CA GLN B 32 31.09 -11.37 -14.11
C GLN B 32 30.27 -10.53 -13.11
N THR B 33 30.47 -9.21 -13.10
CA THR B 33 29.84 -8.22 -12.15
C THR B 33 28.86 -7.29 -12.86
N LEU B 34 28.11 -6.47 -12.08
CA LEU B 34 27.07 -5.55 -12.63
C LEU B 34 27.78 -4.45 -13.44
N GLU B 35 28.94 -4.00 -12.98
CA GLU B 35 29.77 -2.98 -13.67
C GLU B 35 30.20 -3.53 -15.04
N ASP B 36 30.75 -4.75 -15.07
CA ASP B 36 31.17 -5.43 -16.32
C ASP B 36 30.03 -5.33 -17.35
N ILE B 37 28.79 -5.54 -16.92
CA ILE B 37 27.60 -5.53 -17.82
C ILE B 37 27.32 -4.09 -18.26
N ALA B 38 27.41 -3.12 -17.35
CA ALA B 38 27.31 -1.67 -17.63
C ALA B 38 28.38 -1.27 -18.67
N ASN B 39 29.60 -1.80 -18.56
CA ASN B 39 30.72 -1.48 -19.50
C ASN B 39 30.37 -2.08 -20.87
N LYS B 40 29.92 -3.36 -20.91
CA LYS B 40 29.49 -4.02 -22.17
C LYS B 40 28.48 -3.12 -22.88
N LEU B 41 27.51 -2.61 -22.10
CA LEU B 41 26.27 -1.95 -22.57
C LEU B 41 26.62 -0.55 -23.11
N LYS B 42 27.46 0.20 -22.39
CA LYS B 42 27.95 1.54 -22.82
C LYS B 42 28.64 1.46 -24.19
N LEU B 43 29.41 0.39 -24.42
CA LEU B 43 30.11 0.09 -25.71
C LEU B 43 29.10 -0.26 -26.80
N GLN B 44 28.09 -1.08 -26.46
CA GLN B 44 27.06 -1.51 -27.43
C GLN B 44 26.28 -0.25 -27.85
N ALA B 45 26.08 0.66 -26.89
CA ALA B 45 25.32 1.92 -27.04
C ALA B 45 26.05 2.86 -28.02
N GLU B 46 27.39 2.86 -28.01
CA GLU B 46 28.22 3.57 -29.00
C GLU B 46 27.90 2.98 -30.39
N LYS B 47 28.02 1.64 -30.57
CA LYS B 47 27.74 0.98 -31.87
C LYS B 47 26.31 1.32 -32.35
N LEU B 48 25.38 1.66 -31.44
CA LEU B 48 23.91 1.75 -31.72
C LEU B 48 23.44 3.19 -31.82
N ASP B 49 24.31 4.15 -31.43
CA ASP B 49 24.06 5.60 -31.53
C ASP B 49 22.98 6.04 -30.53
N VAL B 50 23.04 5.56 -29.28
CA VAL B 50 22.07 5.91 -28.22
C VAL B 50 22.85 6.14 -26.93
N THR B 51 22.37 7.03 -26.06
CA THR B 51 22.94 7.19 -24.70
C THR B 51 22.08 6.30 -23.81
N VAL B 52 22.68 5.85 -22.74
CA VAL B 52 22.18 4.72 -21.92
C VAL B 52 22.37 5.17 -20.48
N GLU B 53 21.30 5.26 -19.69
CA GLU B 53 21.38 5.74 -18.29
C GLU B 53 21.15 4.54 -17.40
N ILE B 54 22.19 4.08 -16.73
CA ILE B 54 22.27 2.76 -16.04
C ILE B 54 22.31 3.04 -14.53
N ARG B 55 21.39 2.44 -13.77
CA ARG B 55 21.16 2.71 -12.34
C ARG B 55 20.75 1.43 -11.62
N GLN B 56 20.96 1.40 -10.32
CA GLN B 56 20.62 0.26 -9.44
C GLN B 56 20.18 0.83 -8.11
N SER B 57 19.22 0.19 -7.48
CA SER B 57 18.77 0.52 -6.11
C SER B 57 18.14 -0.73 -5.50
N ASN B 58 18.27 -0.85 -4.19
CA ASN B 58 17.55 -1.85 -3.38
C ASN B 58 16.16 -1.30 -3.03
N HIS B 59 15.79 -0.09 -3.49
CA HIS B 59 14.54 0.59 -3.08
C HIS B 59 13.52 0.55 -4.20
N GLU B 60 12.36 -0.02 -3.92
CA GLU B 60 11.21 -0.10 -4.86
C GLU B 60 10.89 1.33 -5.32
N GLY B 61 10.83 2.27 -4.38
CA GLY B 61 10.50 3.68 -4.71
C GLY B 61 11.48 4.27 -5.71
N ALA B 62 12.77 3.95 -5.63
CA ALA B 62 13.77 4.46 -6.59
C ALA B 62 13.38 4.01 -8.02
N LEU B 63 13.01 2.75 -8.23
CA LEU B 63 12.70 2.27 -9.59
C LEU B 63 11.49 3.05 -10.13
N ILE B 64 10.54 3.40 -9.26
CA ILE B 64 9.32 4.14 -9.68
C ILE B 64 9.73 5.57 -10.07
N ASP B 65 10.46 6.25 -9.18
CA ASP B 65 11.00 7.62 -9.46
C ASP B 65 11.67 7.61 -10.84
N TRP B 66 12.51 6.60 -11.11
CA TRP B 66 13.31 6.46 -12.36
C TRP B 66 12.38 6.20 -13.55
N LEU B 67 11.40 5.34 -13.40
CA LEU B 67 10.40 5.15 -14.49
C LEU B 67 9.75 6.52 -14.80
N GLN B 68 9.37 7.28 -13.79
CA GLN B 68 8.63 8.54 -13.97
C GLN B 68 9.58 9.58 -14.59
N GLU B 69 10.84 9.57 -14.15
CA GLU B 69 11.90 10.46 -14.64
C GLU B 69 12.12 10.18 -16.13
N ALA B 70 12.09 8.92 -16.54
CA ALA B 70 12.28 8.58 -17.96
C ALA B 70 11.13 9.20 -18.77
N GLN B 71 9.89 9.20 -18.26
CA GLN B 71 8.81 9.79 -19.09
C GLN B 71 9.02 11.31 -19.25
N ALA B 72 9.48 11.96 -18.17
CA ALA B 72 9.59 13.44 -18.06
C ALA B 72 10.65 13.97 -19.04
N VAL B 73 11.58 13.11 -19.41
CA VAL B 73 12.83 13.37 -20.15
C VAL B 73 12.65 12.89 -21.59
N LYS B 74 11.42 12.42 -21.92
CA LYS B 74 11.03 11.85 -23.24
C LYS B 74 12.00 10.73 -23.67
N ALA B 75 12.52 9.94 -22.75
CA ALA B 75 13.33 8.74 -23.06
C ALA B 75 12.62 7.85 -24.09
N LYS B 76 13.41 7.15 -24.91
CA LYS B 76 12.92 6.29 -26.00
C LYS B 76 12.37 4.99 -25.42
N ALA B 77 13.00 4.49 -24.35
CA ALA B 77 12.75 3.14 -23.77
C ALA B 77 13.33 2.98 -22.35
N VAL B 78 12.79 2.04 -21.58
CA VAL B 78 13.39 1.56 -20.29
C VAL B 78 13.62 0.05 -20.39
N ILE B 79 14.80 -0.38 -20.01
CA ILE B 79 15.14 -1.80 -19.81
C ILE B 79 15.12 -1.96 -18.30
N LEU B 80 14.25 -2.82 -17.78
CA LEU B 80 13.99 -2.92 -16.32
C LEU B 80 14.20 -4.37 -15.88
N ASN B 81 15.16 -4.54 -14.97
CA ASN B 81 15.35 -5.76 -14.18
C ASN B 81 15.01 -5.41 -12.74
N ALA B 82 13.75 -5.56 -12.35
CA ALA B 82 13.24 -5.18 -11.00
C ALA B 82 13.67 -6.23 -9.97
N ALA B 83 14.35 -7.29 -10.40
CA ALA B 83 14.79 -8.39 -9.51
C ALA B 83 13.59 -8.86 -8.67
N ALA B 84 13.71 -9.01 -7.36
CA ALA B 84 12.65 -9.57 -6.49
C ALA B 84 11.39 -8.72 -6.55
N TYR B 85 11.47 -7.41 -6.82
CA TYR B 85 10.28 -6.54 -6.77
C TYR B 85 9.38 -6.90 -7.97
N THR B 86 9.93 -7.54 -9.00
CA THR B 86 9.16 -8.08 -10.15
C THR B 86 7.96 -8.90 -9.67
N HIS B 87 8.11 -9.62 -8.54
CA HIS B 87 7.12 -10.61 -8.05
C HIS B 87 6.20 -10.00 -7.01
N THR B 88 6.45 -8.77 -6.53
CA THR B 88 5.66 -8.17 -5.40
C THR B 88 5.06 -6.81 -5.80
N SER B 89 5.63 -6.07 -6.76
CA SER B 89 5.33 -4.63 -6.91
C SER B 89 4.17 -4.35 -7.86
N VAL B 90 2.98 -4.22 -7.28
CA VAL B 90 1.82 -3.59 -7.96
C VAL B 90 2.18 -2.13 -8.31
N ALA B 91 3.02 -1.50 -7.53
CA ALA B 91 3.35 -0.08 -7.70
C ALA B 91 4.18 0.08 -8.97
N ILE B 92 5.10 -0.84 -9.22
CA ILE B 92 5.94 -0.78 -10.47
C ILE B 92 5.07 -1.11 -11.67
N TYR B 93 4.10 -2.02 -11.51
CA TYR B 93 3.14 -2.38 -12.57
C TYR B 93 2.40 -1.11 -12.98
N ASP B 94 1.95 -0.33 -12.00
CA ASP B 94 1.15 0.89 -12.22
C ASP B 94 2.03 1.99 -12.89
N ALA B 95 3.28 2.11 -12.46
CA ALA B 95 4.24 3.10 -13.00
C ALA B 95 4.43 2.81 -14.49
N ILE B 96 4.70 1.56 -14.86
CA ILE B 96 4.86 1.15 -16.28
C ILE B 96 3.58 1.47 -17.04
N ARG B 97 2.43 1.11 -16.51
CA ARG B 97 1.17 1.39 -17.21
C ARG B 97 0.87 2.89 -17.33
N ALA B 98 1.28 3.71 -16.35
CA ALA B 98 0.98 5.16 -16.33
C ALA B 98 1.80 5.89 -17.39
N ILE B 99 3.06 5.50 -17.55
CA ILE B 99 4.01 6.15 -18.50
C ILE B 99 3.81 5.60 -19.91
N THR B 100 4.14 6.41 -20.92
CA THR B 100 4.03 6.09 -22.38
C THR B 100 5.31 5.46 -22.91
N VAL B 101 6.43 5.65 -22.22
CA VAL B 101 7.75 5.09 -22.59
C VAL B 101 7.64 3.57 -22.51
N PRO B 102 7.96 2.81 -23.59
CA PRO B 102 7.94 1.36 -23.53
C PRO B 102 8.96 0.83 -22.52
N VAL B 103 8.57 -0.24 -21.82
CA VAL B 103 9.44 -0.97 -20.87
C VAL B 103 9.69 -2.38 -21.40
N ILE B 104 10.97 -2.77 -21.43
CA ILE B 104 11.41 -4.16 -21.67
C ILE B 104 11.86 -4.79 -20.35
N GLU B 105 11.20 -5.88 -19.96
CA GLU B 105 11.59 -6.67 -18.77
C GLU B 105 12.82 -7.48 -19.14
N VAL B 106 13.81 -7.48 -18.26
CA VAL B 106 15.05 -8.29 -18.39
C VAL B 106 15.32 -9.07 -17.11
N HIS B 107 15.69 -10.33 -17.28
CA HIS B 107 16.27 -11.20 -16.23
C HIS B 107 17.51 -11.90 -16.78
N LEU B 108 18.55 -11.96 -15.96
CA LEU B 108 19.76 -12.78 -16.22
C LEU B 108 19.36 -14.26 -16.28
N SER B 109 18.68 -14.73 -15.24
CA SER B 109 18.25 -16.13 -15.11
C SER B 109 16.86 -16.25 -15.75
N ASN B 110 16.37 -17.48 -15.92
CA ASN B 110 15.00 -17.76 -16.39
C ASN B 110 14.14 -17.93 -15.14
N PRO B 111 13.31 -16.94 -14.77
CA PRO B 111 12.57 -17.02 -13.53
C PRO B 111 11.57 -18.18 -13.52
N HIS B 112 11.06 -18.62 -14.68
CA HIS B 112 10.07 -19.72 -14.78
C HIS B 112 10.79 -21.03 -14.41
N ALA B 113 12.12 -21.05 -14.46
CA ALA B 113 12.91 -22.27 -14.17
C ALA B 113 13.21 -22.33 -12.67
N ARG B 114 12.75 -21.37 -11.91
CA ARG B 114 13.09 -21.25 -10.47
C ARG B 114 11.83 -21.53 -9.63
N GLU B 115 11.86 -21.07 -8.38
CA GLU B 115 10.77 -21.10 -7.39
C GLU B 115 9.50 -20.53 -8.05
N ALA B 116 8.37 -21.20 -7.78
CA ALA B 116 7.01 -20.85 -8.24
C ALA B 116 6.70 -19.37 -7.93
N PHE B 117 7.16 -18.82 -6.79
CA PHE B 117 6.84 -17.40 -6.50
C PHE B 117 7.48 -16.50 -7.56
N ARG B 118 8.49 -16.94 -8.32
CA ARG B 118 9.10 -16.04 -9.33
C ARG B 118 8.37 -16.15 -10.67
N HIS B 119 7.42 -17.09 -10.82
CA HIS B 119 6.59 -17.20 -12.06
C HIS B 119 5.73 -15.93 -12.23
N LYS B 120 5.40 -15.23 -11.15
CA LYS B 120 4.54 -14.03 -11.17
C LYS B 120 5.39 -12.84 -11.55
N SER B 121 4.98 -12.10 -12.56
CA SER B 121 5.73 -10.88 -12.92
C SER B 121 4.79 -9.67 -13.10
N TYR B 122 4.68 -8.85 -12.08
CA TYR B 122 3.93 -7.58 -12.17
C TYR B 122 4.58 -6.72 -13.27
N VAL B 123 5.89 -6.75 -13.43
CA VAL B 123 6.53 -6.02 -14.58
C VAL B 123 6.02 -6.56 -15.92
N GLY B 124 6.10 -7.87 -16.11
CA GLY B 124 5.69 -8.54 -17.35
C GLY B 124 4.22 -8.26 -17.69
N GLU B 125 3.39 -8.07 -16.67
CA GLU B 125 1.94 -7.83 -16.89
C GLU B 125 1.73 -6.43 -17.49
N ALA B 126 2.71 -5.53 -17.41
CA ALA B 126 2.57 -4.13 -17.83
C ALA B 126 3.52 -3.77 -18.97
N ALA B 127 4.59 -4.54 -19.14
CA ALA B 127 5.68 -4.22 -20.08
C ALA B 127 5.27 -4.57 -21.52
N LEU B 128 6.03 -4.03 -22.45
CA LEU B 128 5.91 -4.35 -23.88
C LEU B 128 6.29 -5.82 -24.06
N GLY B 129 7.39 -6.21 -23.40
CA GLY B 129 8.06 -7.48 -23.69
C GLY B 129 9.07 -7.82 -22.63
N THR B 130 9.64 -9.03 -22.74
CA THR B 130 10.47 -9.71 -21.72
C THR B 130 11.57 -10.50 -22.42
N ILE B 131 12.79 -10.37 -21.92
CA ILE B 131 13.96 -11.19 -22.33
C ILE B 131 14.57 -11.76 -21.06
N SER B 132 14.62 -13.09 -20.97
CA SER B 132 15.04 -13.81 -19.75
C SER B 132 16.04 -14.89 -20.12
N GLY B 133 17.09 -15.05 -19.32
CA GLY B 133 17.78 -16.33 -19.14
C GLY B 133 19.12 -16.39 -19.87
N PHE B 134 19.55 -15.28 -20.48
CA PHE B 134 20.77 -15.22 -21.33
C PHE B 134 21.93 -14.56 -20.57
N GLY B 135 21.87 -14.48 -19.24
CA GLY B 135 22.78 -13.66 -18.43
C GLY B 135 22.87 -12.23 -18.97
N ALA B 136 24.09 -11.75 -19.18
CA ALA B 136 24.39 -10.39 -19.68
C ALA B 136 23.77 -10.16 -21.07
N GLU B 137 23.78 -11.22 -21.89
CA GLU B 137 23.19 -11.21 -23.26
C GLU B 137 21.70 -10.80 -23.18
N SER B 138 20.99 -11.06 -22.07
CA SER B 138 19.58 -10.60 -21.88
C SER B 138 19.53 -9.07 -22.04
N TYR B 139 20.43 -8.35 -21.41
CA TYR B 139 20.53 -6.87 -21.54
C TYR B 139 20.91 -6.48 -22.98
N SER B 140 21.93 -7.11 -23.57
CA SER B 140 22.43 -6.71 -24.92
C SER B 140 21.28 -6.84 -25.93
N LEU B 141 20.50 -7.95 -25.90
CA LEU B 141 19.32 -8.20 -26.79
C LEU B 141 18.25 -7.12 -26.57
N ALA B 142 18.02 -6.81 -25.30
CA ALA B 142 17.06 -5.78 -24.86
C ALA B 142 17.47 -4.43 -25.46
N LEU B 143 18.76 -4.12 -25.44
CA LEU B 143 19.25 -2.80 -25.91
C LEU B 143 19.12 -2.73 -27.44
N ASP B 144 19.40 -3.82 -28.20
CA ASP B 144 19.18 -3.87 -29.67
C ASP B 144 17.69 -3.62 -29.94
N ALA B 145 16.79 -4.34 -29.26
CA ALA B 145 15.35 -4.28 -29.54
C ALA B 145 14.83 -2.84 -29.27
N ALA B 146 15.34 -2.28 -28.18
CA ALA B 146 15.00 -0.95 -27.61
C ALA B 146 15.47 0.17 -28.56
N ALA B 147 16.65 0.02 -29.17
CA ALA B 147 17.18 0.96 -30.19
C ALA B 147 16.27 0.94 -31.43
N LYS B 148 15.74 -0.23 -31.84
CA LYS B 148 14.97 -0.37 -33.10
C LYS B 148 13.49 -0.02 -32.85
N LEU B 149 13.11 0.51 -31.66
CA LEU B 149 11.68 0.78 -31.32
C LEU B 149 11.22 2.09 -31.94
N LYS C 6 40.89 -7.95 16.63
CA LYS C 6 39.78 -7.17 16.07
C LYS C 6 38.48 -7.73 16.65
N LYS C 7 37.50 -6.88 16.94
CA LYS C 7 36.21 -7.31 17.55
C LYS C 7 35.15 -7.66 16.49
N PRO C 8 34.58 -8.87 16.54
CA PRO C 8 33.47 -9.21 15.65
C PRO C 8 32.35 -8.16 15.79
N THR C 9 31.82 -7.68 14.67
CA THR C 9 30.67 -6.74 14.69
C THR C 9 29.38 -7.51 14.30
N ILE C 10 28.29 -7.24 15.01
CA ILE C 10 27.00 -7.92 14.78
C ILE C 10 25.96 -6.84 14.49
N PHE C 11 25.43 -6.79 13.27
CA PHE C 11 24.32 -5.91 12.88
C PHE C 11 23.03 -6.43 13.52
N ILE C 12 22.24 -5.50 14.04
CA ILE C 12 20.88 -5.75 14.59
C ILE C 12 19.97 -4.76 13.88
N LEU C 13 19.11 -5.27 12.99
CA LEU C 13 18.35 -4.45 12.03
C LEU C 13 16.86 -4.60 12.32
N ASN C 14 16.20 -3.47 12.57
CA ASN C 14 14.77 -3.40 12.97
C ASN C 14 13.99 -2.72 11.83
N GLY C 15 12.90 -3.36 11.42
CA GLY C 15 12.06 -2.86 10.35
C GLY C 15 10.99 -1.91 10.85
N PRO C 16 9.94 -1.72 10.04
CA PRO C 16 9.00 -0.65 10.24
C PRO C 16 8.17 -0.81 11.52
N ASN C 17 7.85 0.35 12.11
CA ASN C 17 6.91 0.52 13.24
C ASN C 17 7.54 0.06 14.57
N LEU C 18 8.67 -0.65 14.56
CA LEU C 18 9.28 -1.09 15.83
C LEU C 18 9.78 0.12 16.62
N ASN C 19 10.08 1.22 15.92
CA ASN C 19 10.46 2.51 16.53
C ASN C 19 9.33 3.03 17.44
N LEU C 20 8.10 2.49 17.35
CA LEU C 20 6.91 2.98 18.12
C LEU C 20 6.69 2.17 19.40
N LEU C 21 7.50 1.14 19.59
CA LEU C 21 7.42 0.22 20.75
C LEU C 21 7.33 1.04 22.04
N GLY C 22 6.37 0.68 22.89
CA GLY C 22 6.07 1.33 24.17
C GLY C 22 5.81 2.81 24.00
N LEU C 23 4.74 3.23 23.33
CA LEU C 23 4.35 4.68 23.22
C LEU C 23 2.82 4.78 23.35
N ARG C 24 2.06 4.05 22.53
CA ARG C 24 0.58 3.93 22.62
C ARG C 24 0.22 3.43 24.03
N GLU C 25 -0.50 4.26 24.80
CA GLU C 25 -1.08 3.94 26.15
C GLU C 25 -0.16 2.99 26.91
N PRO C 26 0.98 3.45 27.48
CA PRO C 26 2.02 2.56 28.04
C PRO C 26 1.53 1.74 29.25
N THR C 27 0.71 2.37 30.11
CA THR C 27 0.05 1.75 31.30
C THR C 27 -1.04 0.76 30.84
N ILE C 28 -1.10 0.40 29.55
CA ILE C 28 -1.97 -0.71 28.99
C ILE C 28 -1.09 -1.69 28.17
N TYR C 29 -0.41 -1.27 27.08
CA TYR C 29 0.29 -2.15 26.09
C TYR C 29 1.79 -2.35 26.40
N GLY C 30 2.31 -1.87 27.55
CA GLY C 30 3.70 -2.11 28.01
C GLY C 30 4.56 -0.85 27.91
N HIS C 31 5.55 -0.72 28.80
CA HIS C 31 6.38 0.51 29.02
C HIS C 31 7.65 0.49 28.12
N GLN C 32 8.21 -0.68 27.84
CA GLN C 32 9.54 -0.83 27.21
C GLN C 32 9.55 -0.36 25.75
N THR C 33 10.61 0.38 25.37
CA THR C 33 10.81 1.05 24.05
C THR C 33 11.97 0.43 23.27
N LEU C 34 12.14 0.84 22.00
CA LEU C 34 13.17 0.24 21.11
C LEU C 34 14.56 0.63 21.61
N GLU C 35 14.71 1.87 22.12
CA GLU C 35 15.97 2.38 22.72
CA GLU C 35 15.97 2.39 22.72
C GLU C 35 16.33 1.51 23.93
N ASP C 36 15.38 1.31 24.85
CA ASP C 36 15.57 0.46 26.06
C ASP C 36 16.19 -0.88 25.64
N ILE C 37 15.72 -1.47 24.55
CA ILE C 37 16.19 -2.80 24.05
C ILE C 37 17.62 -2.66 23.50
N ALA C 38 17.87 -1.59 22.71
CA ALA C 38 19.21 -1.18 22.23
C ALA C 38 20.18 -1.04 23.42
N ASN C 39 19.74 -0.41 24.51
CA ASN C 39 20.58 -0.19 25.73
C ASN C 39 20.89 -1.56 26.35
N LYS C 40 19.84 -2.41 26.53
CA LYS C 40 20.01 -3.78 27.08
C LYS C 40 21.11 -4.50 26.29
N LEU C 41 21.03 -4.39 24.96
CA LEU C 41 21.80 -5.20 23.97
C LEU C 41 23.25 -4.70 23.91
N LYS C 42 23.45 -3.39 23.91
CA LYS C 42 24.81 -2.76 23.97
C LYS C 42 25.58 -3.24 25.22
N LEU C 43 24.87 -3.40 26.35
CA LEU C 43 25.43 -3.93 27.64
C LEU C 43 25.73 -5.43 27.50
N GLN C 44 24.83 -6.19 26.88
CA GLN C 44 24.99 -7.65 26.71
C GLN C 44 26.21 -7.85 25.81
N ALA C 45 26.40 -6.94 24.85
CA ALA C 45 27.49 -6.98 23.86
C ALA C 45 28.84 -6.76 24.56
N GLU C 46 28.89 -5.91 25.59
CA GLU C 46 30.07 -5.74 26.48
C GLU C 46 30.35 -7.11 27.14
N LYS C 47 29.36 -7.73 27.81
CA LYS C 47 29.50 -9.06 28.47
C LYS C 47 30.07 -10.09 27.48
N LEU C 48 29.81 -9.94 26.17
CA LEU C 48 29.99 -11.01 25.15
C LEU C 48 31.22 -10.74 24.27
N ASP C 49 31.77 -9.53 24.39
CA ASP C 49 33.03 -9.12 23.72
C ASP C 49 32.82 -8.99 22.20
N VAL C 50 31.72 -8.33 21.81
CA VAL C 50 31.38 -8.08 20.37
C VAL C 50 30.83 -6.65 20.28
N THR C 51 31.00 -5.99 19.13
CA THR C 51 30.37 -4.66 18.92
C THR C 51 29.08 -4.94 18.17
N VAL C 52 28.13 -4.05 18.33
CA VAL C 52 26.73 -4.32 17.93
C VAL C 52 26.26 -3.05 17.22
N GLU C 53 25.86 -3.13 15.94
CA GLU C 53 25.39 -1.93 15.22
C GLU C 53 23.89 -2.07 15.03
N ILE C 54 23.13 -1.22 15.71
CA ILE C 54 21.67 -1.30 15.89
C ILE C 54 21.02 -0.18 15.08
N ARG C 55 20.09 -0.54 14.19
CA ARG C 55 19.44 0.37 13.24
C ARG C 55 17.97 0.01 13.09
N GLN C 56 17.17 0.98 12.65
CA GLN C 56 15.73 0.83 12.38
C GLN C 56 15.41 1.70 11.18
N SER C 57 14.50 1.26 10.34
CA SER C 57 13.94 2.07 9.23
C SER C 57 12.56 1.49 8.90
N ASN C 58 11.68 2.36 8.43
CA ASN C 58 10.37 1.98 7.87
C ASN C 58 10.54 1.59 6.39
N HIS C 59 11.75 1.62 5.85
CA HIS C 59 12.03 1.40 4.41
C HIS C 59 12.62 0.00 4.19
N GLU C 60 11.95 -0.77 3.35
CA GLU C 60 12.37 -2.11 2.90
C GLU C 60 13.79 -1.99 2.35
N GLY C 61 14.00 -1.00 1.48
CA GLY C 61 15.30 -0.78 0.86
C GLY C 61 16.40 -0.58 1.87
N ALA C 62 16.16 0.14 2.97
CA ALA C 62 17.19 0.36 4.01
C ALA C 62 17.64 -0.99 4.58
N LEU C 63 16.74 -1.91 4.90
CA LEU C 63 17.12 -3.21 5.47
C LEU C 63 18.02 -3.97 4.48
N ILE C 64 17.76 -3.84 3.18
CA ILE C 64 18.57 -4.55 2.16
C ILE C 64 19.94 -3.91 2.11
N ASP C 65 20.01 -2.58 1.99
CA ASP C 65 21.29 -1.82 1.99
C ASP C 65 22.12 -2.31 3.19
N TRP C 66 21.50 -2.41 4.37
CA TRP C 66 22.18 -2.78 5.65
C TRP C 66 22.63 -4.24 5.60
N LEU C 67 21.81 -5.14 5.09
CA LEU C 67 22.24 -6.54 4.90
C LEU C 67 23.49 -6.54 4.02
N GLN C 68 23.51 -5.76 2.94
CA GLN C 68 24.64 -5.78 1.97
C GLN C 68 25.87 -5.14 2.61
N GLU C 69 25.65 -4.09 3.39
CA GLU C 69 26.69 -3.34 4.14
C GLU C 69 27.33 -4.32 5.14
N ALA C 70 26.54 -5.17 5.79
CA ALA C 70 27.09 -6.15 6.73
C ALA C 70 28.03 -7.10 5.98
N GLN C 71 27.71 -7.52 4.75
CA GLN C 71 28.64 -8.45 4.06
C GLN C 71 29.95 -7.73 3.72
N ALA C 72 29.88 -6.44 3.35
CA ALA C 72 30.99 -5.62 2.82
C ALA C 72 32.04 -5.40 3.92
N VAL C 73 31.58 -5.48 5.16
CA VAL C 73 32.27 -5.09 6.41
C VAL C 73 32.69 -6.38 7.13
N LYS C 74 32.47 -7.54 6.49
CA LYS C 74 32.71 -8.92 7.00
C LYS C 74 32.15 -9.09 8.42
N ALA C 75 30.98 -8.51 8.71
CA ALA C 75 30.22 -8.76 9.96
C ALA C 75 30.11 -10.26 10.24
N LYS C 76 30.08 -10.63 11.52
CA LYS C 76 30.01 -12.03 11.98
C LYS C 76 28.60 -12.56 11.78
N ALA C 77 27.59 -11.69 11.98
CA ALA C 77 26.16 -12.05 11.98
C ALA C 77 25.24 -10.83 11.79
N VAL C 78 24.00 -11.08 11.36
CA VAL C 78 22.88 -10.10 11.39
C VAL C 78 21.72 -10.70 12.20
N ILE C 79 21.20 -9.92 13.13
CA ILE C 79 19.93 -10.22 13.82
C ILE C 79 18.92 -9.30 13.15
N LEU C 80 17.89 -9.88 12.54
CA LEU C 80 16.93 -9.15 11.68
C LEU C 80 15.51 -9.36 12.21
N ASN C 81 14.87 -8.25 12.58
CA ASN C 81 13.42 -8.18 12.83
C ASN C 81 12.86 -7.29 11.72
N ALA C 82 12.45 -7.88 10.59
CA ALA C 82 11.94 -7.15 9.41
C ALA C 82 10.52 -6.65 9.66
N ALA C 83 9.94 -6.95 10.80
CA ALA C 83 8.54 -6.56 11.14
C ALA C 83 7.61 -6.98 10.00
N ALA C 84 6.73 -6.11 9.50
CA ALA C 84 5.73 -6.48 8.48
C ALA C 84 6.41 -6.92 7.18
N TYR C 85 7.63 -6.48 6.88
CA TYR C 85 8.28 -6.81 5.58
C TYR C 85 8.65 -8.29 5.60
N THR C 86 8.73 -8.89 6.80
CA THR C 86 8.94 -10.37 6.95
C THR C 86 7.96 -11.15 6.06
N HIS C 87 6.73 -10.65 5.90
CA HIS C 87 5.61 -11.38 5.27
C HIS C 87 5.45 -10.99 3.81
N THR C 88 6.19 -9.97 3.31
CA THR C 88 5.99 -9.47 1.93
C THR C 88 7.30 -9.51 1.11
N SER C 89 8.47 -9.48 1.74
CA SER C 89 9.72 -9.08 1.03
C SER C 89 10.48 -10.27 0.46
N VAL C 90 10.20 -10.60 -0.79
CA VAL C 90 11.09 -11.47 -1.61
C VAL C 90 12.47 -10.83 -1.69
N ALA C 91 12.55 -9.50 -1.67
CA ALA C 91 13.83 -8.80 -1.91
C ALA C 91 14.73 -9.04 -0.70
N ILE C 92 14.17 -9.02 0.51
CA ILE C 92 14.96 -9.30 1.75
C ILE C 92 15.37 -10.78 1.76
N TYR C 93 14.51 -11.68 1.28
CA TYR C 93 14.80 -13.12 1.19
C TYR C 93 16.05 -13.28 0.30
N ASP C 94 16.08 -12.58 -0.84
CA ASP C 94 17.18 -12.68 -1.83
C ASP C 94 18.48 -12.11 -1.24
N ALA C 95 18.37 -10.98 -0.53
CA ALA C 95 19.51 -10.30 0.12
C ALA C 95 20.18 -11.28 1.08
N ILE C 96 19.40 -11.90 1.98
CA ILE C 96 19.92 -12.89 2.96
C ILE C 96 20.60 -14.03 2.20
N ARG C 97 19.95 -14.56 1.18
CA ARG C 97 20.53 -15.71 0.45
C ARG C 97 21.79 -15.31 -0.31
N ALA C 98 21.90 -14.08 -0.81
CA ALA C 98 23.04 -13.61 -1.64
C ALA C 98 24.30 -13.46 -0.77
N ILE C 99 24.13 -12.94 0.45
CA ILE C 99 25.24 -12.67 1.38
C ILE C 99 25.63 -13.96 2.12
N THR C 100 26.89 -14.03 2.58
CA THR C 100 27.49 -15.18 3.31
C THR C 100 27.34 -15.04 4.82
N VAL C 101 27.11 -13.82 5.30
CA VAL C 101 26.88 -13.51 6.74
C VAL C 101 25.61 -14.21 7.20
N PRO C 102 25.65 -15.08 8.23
CA PRO C 102 24.43 -15.70 8.76
C PRO C 102 23.46 -14.63 9.31
N VAL C 103 22.17 -14.88 9.07
CA VAL C 103 21.03 -14.05 9.55
C VAL C 103 20.19 -14.86 10.55
N ILE C 104 19.91 -14.25 11.71
CA ILE C 104 18.95 -14.76 12.71
C ILE C 104 17.69 -13.91 12.65
N GLU C 105 16.56 -14.54 12.37
CA GLU C 105 15.23 -13.88 12.43
C GLU C 105 14.85 -13.70 13.88
N VAL C 106 14.38 -12.51 14.25
CA VAL C 106 13.84 -12.19 15.60
C VAL C 106 12.46 -11.54 15.49
N HIS C 107 11.56 -11.98 16.36
CA HIS C 107 10.24 -11.34 16.63
C HIS C 107 10.06 -11.26 18.15
N LEU C 108 9.55 -10.12 18.59
CA LEU C 108 9.07 -9.93 19.98
C LEU C 108 7.90 -10.88 20.24
N SER C 109 6.90 -10.83 19.39
CA SER C 109 5.66 -11.65 19.52
C SER C 109 5.89 -12.97 18.80
N ASN C 110 4.98 -13.92 18.96
CA ASN C 110 5.00 -15.18 18.18
C ASN C 110 4.09 -14.95 16.98
N PRO C 111 4.65 -14.77 15.77
CA PRO C 111 3.85 -14.47 14.60
C PRO C 111 2.85 -15.58 14.25
N HIS C 112 3.14 -16.83 14.59
CA HIS C 112 2.26 -17.98 14.26
C HIS C 112 1.03 -17.90 15.15
N ALA C 113 1.09 -17.14 16.23
CA ALA C 113 -0.04 -16.99 17.20
C ALA C 113 -0.94 -15.84 16.76
N ARG C 114 -0.61 -15.19 15.65
CA ARG C 114 -1.35 -13.99 15.18
C ARG C 114 -2.09 -14.33 13.90
N GLU C 115 -2.46 -13.31 13.16
CA GLU C 115 -3.18 -13.35 11.85
C GLU C 115 -2.38 -14.28 10.92
N ALA C 116 -3.12 -15.09 10.16
CA ALA C 116 -2.59 -16.08 9.17
C ALA C 116 -1.61 -15.41 8.21
N PHE C 117 -1.80 -14.14 7.83
CA PHE C 117 -0.84 -13.50 6.90
C PHE C 117 0.51 -13.39 7.58
N ARG C 118 0.64 -13.45 8.91
CA ARG C 118 1.98 -13.34 9.53
C ARG C 118 2.66 -14.72 9.62
N HIS C 119 1.96 -15.82 9.30
CA HIS C 119 2.56 -17.18 9.29
C HIS C 119 3.67 -17.26 8.22
N LYS C 120 3.61 -16.42 7.20
CA LYS C 120 4.54 -16.43 6.05
C LYS C 120 5.80 -15.67 6.43
N SER C 121 6.97 -16.29 6.34
CA SER C 121 8.20 -15.52 6.67
C SER C 121 9.24 -15.68 5.55
N TYR C 122 9.33 -14.69 4.69
CA TYR C 122 10.39 -14.63 3.66
C TYR C 122 11.75 -14.61 4.36
N VAL C 123 11.87 -13.94 5.49
CA VAL C 123 13.16 -13.97 6.25
C VAL C 123 13.48 -15.40 6.69
N GLY C 124 12.51 -16.04 7.35
CA GLY C 124 12.67 -17.41 7.87
C GLY C 124 13.03 -18.39 6.77
N GLU C 125 12.56 -18.18 5.55
CA GLU C 125 12.83 -19.10 4.41
C GLU C 125 14.31 -19.02 4.03
N ALA C 126 15.01 -17.96 4.40
CA ALA C 126 16.40 -17.71 3.93
C ALA C 126 17.40 -17.72 5.10
N ALA C 127 16.92 -17.52 6.32
CA ALA C 127 17.76 -17.33 7.51
C ALA C 127 18.29 -18.68 8.02
N LEU C 128 19.31 -18.59 8.86
CA LEU C 128 19.91 -19.74 9.56
C LEU C 128 18.83 -20.28 10.52
N GLY C 129 18.20 -19.34 11.21
CA GLY C 129 17.31 -19.65 12.34
C GLY C 129 16.44 -18.46 12.69
N THR C 130 15.56 -18.69 13.67
CA THR C 130 14.47 -17.81 14.11
C THR C 130 14.33 -17.94 15.62
N ILE C 131 14.21 -16.81 16.30
CA ILE C 131 13.78 -16.74 17.72
C ILE C 131 12.58 -15.80 17.79
N SER C 132 11.46 -16.31 18.28
CA SER C 132 10.18 -15.61 18.34
C SER C 132 9.55 -15.72 19.70
N GLY C 133 8.99 -14.61 20.19
CA GLY C 133 7.86 -14.66 21.15
C GLY C 133 8.28 -14.33 22.55
N PHE C 134 9.54 -13.96 22.77
CA PHE C 134 10.11 -13.75 24.12
C PHE C 134 10.26 -12.25 24.42
N GLY C 135 9.54 -11.38 23.71
CA GLY C 135 9.76 -9.92 23.75
C GLY C 135 11.22 -9.58 23.54
N ALA C 136 11.77 -8.73 24.41
CA ALA C 136 13.16 -8.25 24.36
C ALA C 136 14.14 -9.44 24.49
N GLU C 137 13.78 -10.44 25.29
CA GLU C 137 14.56 -11.71 25.47
C GLU C 137 14.81 -12.37 24.11
N SER C 138 13.93 -12.22 23.11
CA SER C 138 14.14 -12.74 21.73
C SER C 138 15.46 -12.18 21.18
N TYR C 139 15.70 -10.88 21.33
CA TYR C 139 16.98 -10.24 20.89
C TYR C 139 18.15 -10.79 21.71
N SER C 140 18.01 -10.85 23.04
CA SER C 140 19.14 -11.22 23.92
C SER C 140 19.58 -12.66 23.56
N LEU C 141 18.65 -13.60 23.36
CA LEU C 141 18.92 -15.02 22.94
C LEU C 141 19.65 -15.04 21.59
N ALA C 142 19.17 -14.22 20.68
CA ALA C 142 19.71 -14.08 19.32
C ALA C 142 21.17 -13.64 19.43
N LEU C 143 21.43 -12.68 20.30
CA LEU C 143 22.80 -12.11 20.42
C LEU C 143 23.75 -13.15 21.03
N ASP C 144 23.30 -13.95 22.03
CA ASP C 144 24.10 -15.07 22.62
C ASP C 144 24.41 -16.07 21.49
N ALA C 145 23.42 -16.49 20.74
CA ALA C 145 23.58 -17.56 19.72
C ALA C 145 24.56 -17.07 18.62
N ALA C 146 24.43 -15.79 18.27
CA ALA C 146 25.18 -15.06 17.23
C ALA C 146 26.65 -14.89 17.65
N ALA C 147 26.91 -14.62 18.92
CA ALA C 147 28.27 -14.56 19.50
C ALA C 147 28.95 -15.94 19.41
N LYS C 148 28.20 -17.05 19.64
CA LYS C 148 28.77 -18.44 19.70
C LYS C 148 28.83 -19.01 18.29
N LEU C 149 28.64 -18.21 17.22
CA LEU C 149 28.65 -18.74 15.82
C LEU C 149 30.10 -18.82 15.35
N LYS D 6 -41.06 19.69 -8.81
CA LYS D 6 -40.70 18.42 -8.17
C LYS D 6 -39.18 18.20 -8.38
N LYS D 7 -38.51 17.70 -7.36
CA LYS D 7 -37.04 17.77 -7.17
C LYS D 7 -36.37 16.49 -7.68
N PRO D 8 -35.03 16.45 -7.80
CA PRO D 8 -34.30 15.19 -7.92
C PRO D 8 -34.74 14.27 -6.76
N THR D 9 -35.03 13.01 -7.05
CA THR D 9 -35.36 11.99 -6.02
C THR D 9 -34.14 11.08 -5.84
N ILE D 10 -33.79 10.76 -4.59
CA ILE D 10 -32.63 9.88 -4.26
C ILE D 10 -33.17 8.72 -3.43
N PHE D 11 -33.13 7.50 -3.98
CA PHE D 11 -33.46 6.26 -3.25
C PHE D 11 -32.32 5.96 -2.27
N ILE D 12 -32.70 5.55 -1.07
CA ILE D 12 -31.76 5.09 -0.01
C ILE D 12 -32.31 3.75 0.44
N LEU D 13 -31.61 2.67 0.13
CA LEU D 13 -32.11 1.29 0.24
C LEU D 13 -31.25 0.55 1.25
N ASN D 14 -31.90 0.02 2.29
CA ASN D 14 -31.24 -0.70 3.41
C ASN D 14 -31.66 -2.16 3.35
N GLY D 15 -30.69 -3.04 3.39
CA GLY D 15 -30.88 -4.49 3.31
C GLY D 15 -31.12 -5.08 4.69
N PRO D 16 -30.88 -6.39 4.79
CA PRO D 16 -31.37 -7.17 5.93
C PRO D 16 -30.67 -6.78 7.22
N ASN D 17 -31.43 -6.87 8.32
CA ASN D 17 -30.92 -6.76 9.70
C ASN D 17 -30.65 -5.30 10.11
N LEU D 18 -30.57 -4.37 9.17
CA LEU D 18 -30.30 -2.95 9.53
C LEU D 18 -31.49 -2.39 10.32
N ASN D 19 -32.69 -2.93 10.11
CA ASN D 19 -33.92 -2.59 10.87
C ASN D 19 -33.69 -2.85 12.37
N LEU D 20 -32.66 -3.63 12.78
CA LEU D 20 -32.43 -4.02 14.21
C LEU D 20 -31.43 -3.10 14.90
N LEU D 21 -30.84 -2.20 14.14
CA LEU D 21 -29.86 -1.20 14.64
C LEU D 21 -30.38 -0.55 15.92
N GLY D 22 -29.54 -0.52 16.94
CA GLY D 22 -29.84 -0.03 18.30
C GLY D 22 -31.10 -0.65 18.87
N LEU D 23 -31.13 -1.93 19.20
CA LEU D 23 -32.30 -2.58 19.87
C LEU D 23 -31.80 -3.62 20.87
N ARG D 24 -31.04 -4.60 20.39
CA ARG D 24 -30.30 -5.59 21.21
C ARG D 24 -29.43 -4.82 22.21
N GLU D 25 -29.69 -5.00 23.51
CA GLU D 25 -28.90 -4.48 24.66
C GLU D 25 -28.31 -3.11 24.31
N PRO D 26 -29.10 -2.00 24.32
CA PRO D 26 -28.65 -0.71 23.78
C PRO D 26 -27.49 -0.08 24.60
N THR D 27 -27.53 -0.25 25.92
CA THR D 27 -26.48 0.18 26.89
C THR D 27 -25.21 -0.69 26.72
N ILE D 28 -25.11 -1.51 25.66
CA ILE D 28 -23.90 -2.28 25.26
C ILE D 28 -23.54 -1.99 23.76
N TYR D 29 -24.42 -2.28 22.78
CA TYR D 29 -24.13 -2.21 21.30
C TYR D 29 -24.53 -0.87 20.65
N GLY D 30 -24.93 0.16 21.43
CA GLY D 30 -25.22 1.53 20.95
C GLY D 30 -26.70 1.86 20.93
N HIS D 31 -27.06 3.15 21.09
CA HIS D 31 -28.46 3.64 21.27
C HIS D 31 -29.13 4.00 19.93
N GLN D 32 -28.41 4.50 18.92
CA GLN D 32 -28.97 5.01 17.63
C GLN D 32 -29.64 3.90 16.80
N THR D 33 -30.81 4.18 16.21
CA THR D 33 -31.67 3.24 15.41
C THR D 33 -31.74 3.62 13.93
N LEU D 34 -32.37 2.76 13.11
CA LEU D 34 -32.45 2.99 11.62
C LEU D 34 -33.39 4.17 11.35
N GLU D 35 -34.45 4.31 12.15
CA GLU D 35 -35.41 5.45 12.06
C GLU D 35 -34.65 6.77 12.32
N ASP D 36 -33.87 6.81 13.41
CA ASP D 36 -33.03 7.98 13.78
C ASP D 36 -32.25 8.44 12.55
N ILE D 37 -31.68 7.51 11.81
CA ILE D 37 -30.83 7.80 10.61
C ILE D 37 -31.71 8.33 9.46
N ALA D 38 -32.88 7.71 9.25
CA ALA D 38 -33.93 8.16 8.30
C ALA D 38 -34.32 9.60 8.62
N ASN D 39 -34.49 9.93 9.91
CA ASN D 39 -34.90 11.29 10.35
C ASN D 39 -33.75 12.25 10.02
N LYS D 40 -32.51 11.90 10.38
CA LYS D 40 -31.30 12.71 10.07
C LYS D 40 -31.32 13.08 8.57
N LEU D 41 -31.58 12.06 7.74
CA LEU D 41 -31.38 12.10 6.26
C LEU D 41 -32.48 12.92 5.60
N LYS D 42 -33.73 12.75 6.04
CA LYS D 42 -34.89 13.56 5.56
C LYS D 42 -34.64 15.06 5.77
N LEU D 43 -34.03 15.43 6.90
CA LEU D 43 -33.64 16.83 7.26
C LEU D 43 -32.50 17.31 6.37
N GLN D 44 -31.51 16.45 6.14
CA GLN D 44 -30.32 16.77 5.31
C GLN D 44 -30.84 17.05 3.88
N ALA D 45 -31.84 16.27 3.49
CA ALA D 45 -32.47 16.31 2.14
C ALA D 45 -33.18 17.65 1.93
N GLU D 46 -33.80 18.19 2.96
CA GLU D 46 -34.38 19.56 2.94
C GLU D 46 -33.23 20.57 2.69
N LYS D 47 -32.15 20.54 3.48
CA LYS D 47 -30.98 21.45 3.30
C LYS D 47 -30.45 21.36 1.84
N LEU D 48 -30.64 20.21 1.15
CA LEU D 48 -29.93 19.87 -0.12
C LEU D 48 -30.86 20.01 -1.33
N ASP D 49 -32.15 20.16 -1.07
CA ASP D 49 -33.18 20.41 -2.11
C ASP D 49 -33.41 19.15 -2.95
N VAL D 50 -33.51 17.99 -2.29
CA VAL D 50 -33.78 16.68 -2.96
C VAL D 50 -34.81 15.92 -2.12
N THR D 51 -35.65 15.12 -2.77
CA THR D 51 -36.56 14.19 -2.08
C THR D 51 -35.80 12.89 -1.91
N VAL D 52 -36.10 12.14 -0.88
CA VAL D 52 -35.28 10.99 -0.45
C VAL D 52 -36.27 9.87 -0.18
N GLU D 53 -36.20 8.73 -0.89
CA GLU D 53 -37.12 7.60 -0.60
C GLU D 53 -36.32 6.51 0.10
N ILE D 54 -36.63 6.28 1.37
CA ILE D 54 -35.87 5.43 2.32
C ILE D 54 -36.66 4.16 2.57
N ARG D 55 -36.03 3.00 2.36
CA ARG D 55 -36.67 1.67 2.42
C ARG D 55 -35.71 0.65 3.02
N GLN D 56 -36.27 -0.40 3.59
CA GLN D 56 -35.52 -1.51 4.22
C GLN D 56 -36.29 -2.78 3.91
N SER D 57 -35.58 -3.86 3.68
CA SER D 57 -36.16 -5.20 3.53
C SER D 57 -35.07 -6.21 3.86
N ASN D 58 -35.50 -7.35 4.36
CA ASN D 58 -34.66 -8.55 4.58
C ASN D 58 -34.63 -9.36 3.28
N HIS D 59 -35.30 -8.92 2.20
CA HIS D 59 -35.41 -9.72 0.95
C HIS D 59 -34.50 -9.15 -0.14
N GLU D 60 -33.60 -9.97 -0.65
CA GLU D 60 -32.71 -9.62 -1.78
C GLU D 60 -33.58 -9.13 -2.95
N GLY D 61 -34.66 -9.83 -3.26
CA GLY D 61 -35.56 -9.46 -4.36
C GLY D 61 -36.11 -8.06 -4.23
N ALA D 62 -36.47 -7.64 -3.01
CA ALA D 62 -36.99 -6.26 -2.78
C ALA D 62 -35.91 -5.23 -3.22
N LEU D 63 -34.64 -5.41 -2.85
CA LEU D 63 -33.58 -4.43 -3.19
C LEU D 63 -33.47 -4.33 -4.72
N ILE D 64 -33.64 -5.43 -5.43
CA ILE D 64 -33.55 -5.43 -6.91
C ILE D 64 -34.75 -4.67 -7.48
N ASP D 65 -35.96 -5.03 -7.06
CA ASP D 65 -37.21 -4.32 -7.47
C ASP D 65 -36.98 -2.82 -7.30
N TRP D 66 -36.44 -2.40 -6.15
CA TRP D 66 -36.24 -0.96 -5.79
C TRP D 66 -35.17 -0.34 -6.69
N LEU D 67 -34.08 -1.04 -6.95
CA LEU D 67 -33.07 -0.51 -7.88
C LEU D 67 -33.76 -0.28 -9.23
N GLN D 68 -34.58 -1.23 -9.69
CA GLN D 68 -35.22 -1.14 -11.04
C GLN D 68 -36.24 0.00 -11.05
N GLU D 69 -36.96 0.13 -9.93
CA GLU D 69 -37.99 1.19 -9.73
C GLU D 69 -37.30 2.55 -9.78
N ALA D 70 -36.10 2.67 -9.20
CA ALA D 70 -35.35 3.93 -9.25
C ALA D 70 -35.04 4.27 -10.71
N GLN D 71 -34.69 3.32 -11.56
CA GLN D 71 -34.39 3.70 -12.96
C GLN D 71 -35.67 4.17 -13.66
N ALA D 72 -36.80 3.54 -13.36
CA ALA D 72 -38.10 3.74 -14.05
C ALA D 72 -38.61 5.16 -13.80
N VAL D 73 -38.19 5.72 -12.69
CA VAL D 73 -38.69 6.97 -12.05
C VAL D 73 -37.64 8.07 -12.29
N LYS D 74 -36.60 7.73 -13.07
CA LYS D 74 -35.45 8.60 -13.45
C LYS D 74 -34.82 9.26 -12.22
N ALA D 75 -34.76 8.55 -11.10
CA ALA D 75 -34.01 8.97 -9.90
C ALA D 75 -32.61 9.49 -10.29
N LYS D 76 -32.11 10.45 -9.50
CA LYS D 76 -30.75 11.03 -9.69
C LYS D 76 -29.70 10.03 -9.23
N ALA D 77 -29.98 9.27 -8.17
CA ALA D 77 -29.01 8.39 -7.47
C ALA D 77 -29.70 7.36 -6.57
N VAL D 78 -28.98 6.28 -6.26
CA VAL D 78 -29.35 5.31 -5.19
C VAL D 78 -28.19 5.22 -4.21
N ILE D 79 -28.51 5.32 -2.94
CA ILE D 79 -27.56 5.01 -1.85
C ILE D 79 -27.99 3.64 -1.36
N LEU D 80 -27.10 2.65 -1.44
CA LEU D 80 -27.42 1.23 -1.18
C LEU D 80 -26.50 0.69 -0.09
N ASN D 81 -27.10 0.27 1.02
CA ASN D 81 -26.47 -0.57 2.06
C ASN D 81 -27.15 -1.94 1.98
N ALA D 82 -26.62 -2.85 1.18
CA ALA D 82 -27.16 -4.20 0.96
C ALA D 82 -26.89 -5.10 2.16
N ALA D 83 -26.18 -4.61 3.18
CA ALA D 83 -25.82 -5.41 4.38
C ALA D 83 -25.22 -6.75 3.93
N ALA D 84 -25.67 -7.89 4.45
CA ALA D 84 -25.04 -9.20 4.15
C ALA D 84 -25.15 -9.54 2.67
N TYR D 85 -26.14 -9.01 1.93
CA TYR D 85 -26.33 -9.40 0.52
C TYR D 85 -25.18 -8.78 -0.30
N THR D 86 -24.52 -7.76 0.23
CA THR D 86 -23.30 -7.16 -0.37
C THR D 86 -22.30 -8.25 -0.75
N HIS D 87 -22.20 -9.30 0.05
CA HIS D 87 -21.14 -10.33 -0.04
C HIS D 87 -21.61 -11.56 -0.83
N THR D 88 -22.89 -11.65 -1.19
CA THR D 88 -23.45 -12.88 -1.85
C THR D 88 -24.12 -12.54 -3.17
N SER D 89 -24.63 -11.33 -3.40
CA SER D 89 -25.64 -11.09 -4.46
C SER D 89 -25.03 -10.71 -5.82
N VAL D 90 -24.79 -11.70 -6.66
CA VAL D 90 -24.54 -11.43 -8.11
C VAL D 90 -25.76 -10.73 -8.73
N ALA D 91 -26.94 -10.96 -8.21
CA ALA D 91 -28.18 -10.43 -8.79
C ALA D 91 -28.24 -8.92 -8.56
N ILE D 92 -27.81 -8.47 -7.39
CA ILE D 92 -27.74 -7.00 -7.09
C ILE D 92 -26.63 -6.36 -7.93
N TYR D 93 -25.53 -7.06 -8.15
CA TYR D 93 -24.42 -6.60 -9.01
C TYR D 93 -24.98 -6.35 -10.40
N ASP D 94 -25.80 -7.26 -10.92
CA ASP D 94 -26.33 -7.17 -12.30
C ASP D 94 -27.35 -6.03 -12.39
N ALA D 95 -28.19 -5.88 -11.35
CA ALA D 95 -29.20 -4.80 -11.28
C ALA D 95 -28.49 -3.45 -11.37
N ILE D 96 -27.45 -3.23 -10.57
CA ILE D 96 -26.66 -1.95 -10.59
C ILE D 96 -26.10 -1.74 -11.98
N ARG D 97 -25.48 -2.76 -12.56
CA ARG D 97 -24.88 -2.63 -13.90
C ARG D 97 -25.95 -2.38 -14.97
N ALA D 98 -27.16 -2.92 -14.84
CA ALA D 98 -28.21 -2.86 -15.89
C ALA D 98 -28.81 -1.45 -15.95
N ILE D 99 -29.01 -0.84 -14.77
CA ILE D 99 -29.61 0.51 -14.63
C ILE D 99 -28.56 1.59 -14.89
N THR D 100 -28.99 2.77 -15.32
CA THR D 100 -28.18 3.98 -15.65
C THR D 100 -27.98 4.87 -14.43
N VAL D 101 -28.83 4.75 -13.43
CA VAL D 101 -28.80 5.57 -12.19
C VAL D 101 -27.53 5.19 -11.43
N PRO D 102 -26.63 6.14 -11.08
CA PRO D 102 -25.48 5.85 -10.23
C PRO D 102 -25.92 5.31 -8.86
N VAL D 103 -25.16 4.34 -8.38
CA VAL D 103 -25.31 3.70 -7.05
C VAL D 103 -24.07 4.02 -6.21
N ILE D 104 -24.32 4.49 -4.99
CA ILE D 104 -23.28 4.67 -3.94
C ILE D 104 -23.46 3.57 -2.88
N GLU D 105 -22.42 2.79 -2.69
CA GLU D 105 -22.39 1.76 -1.63
C GLU D 105 -22.17 2.47 -0.31
N VAL D 106 -22.94 2.11 0.72
CA VAL D 106 -22.79 2.60 2.10
C VAL D 106 -22.72 1.42 3.09
N HIS D 107 -21.80 1.52 4.04
CA HIS D 107 -21.72 0.69 5.26
C HIS D 107 -21.49 1.59 6.47
N LEU D 108 -22.22 1.31 7.54
CA LEU D 108 -21.98 1.87 8.87
C LEU D 108 -20.58 1.49 9.36
N SER D 109 -20.27 0.21 9.31
CA SER D 109 -18.99 -0.35 9.79
C SER D 109 -18.03 -0.34 8.62
N ASN D 110 -16.75 -0.58 8.86
CA ASN D 110 -15.75 -0.82 7.78
C ASN D 110 -15.69 -2.33 7.57
N PRO D 111 -16.29 -2.86 6.50
CA PRO D 111 -16.36 -4.30 6.28
C PRO D 111 -14.97 -4.95 6.13
N HIS D 112 -13.96 -4.20 5.66
CA HIS D 112 -12.58 -4.72 5.45
C HIS D 112 -11.97 -4.95 6.83
N ALA D 113 -12.51 -4.32 7.87
CA ALA D 113 -11.99 -4.46 9.24
C ALA D 113 -12.63 -5.67 9.94
N ARG D 114 -13.50 -6.38 9.24
CA ARG D 114 -14.30 -7.48 9.84
C ARG D 114 -13.83 -8.80 9.23
N GLU D 115 -14.69 -9.80 9.34
CA GLU D 115 -14.46 -11.19 8.83
C GLU D 115 -14.13 -11.07 7.33
N ALA D 116 -13.19 -11.89 6.88
CA ALA D 116 -12.70 -11.99 5.49
C ALA D 116 -13.86 -12.16 4.51
N PHE D 117 -14.93 -12.88 4.87
CA PHE D 117 -16.07 -13.03 3.93
C PHE D 117 -16.70 -11.69 3.66
N ARG D 118 -16.52 -10.66 4.50
CA ARG D 118 -17.14 -9.35 4.20
C ARG D 118 -16.23 -8.50 3.31
N HIS D 119 -15.00 -8.93 3.00
CA HIS D 119 -14.09 -8.21 2.08
C HIS D 119 -14.68 -8.18 0.66
N LYS D 120 -15.51 -9.15 0.31
CA LYS D 120 -16.09 -9.32 -1.03
C LYS D 120 -17.29 -8.40 -1.18
N SER D 121 -17.31 -7.55 -2.21
CA SER D 121 -18.48 -6.67 -2.37
C SER D 121 -19.00 -6.71 -3.81
N TYR D 122 -20.04 -7.48 -4.05
CA TYR D 122 -20.71 -7.50 -5.38
C TYR D 122 -21.27 -6.10 -5.65
N VAL D 123 -21.76 -5.41 -4.64
CA VAL D 123 -22.22 -3.99 -4.83
C VAL D 123 -21.06 -3.12 -5.31
N GLY D 124 -19.97 -3.15 -4.53
CA GLY D 124 -18.78 -2.33 -4.81
C GLY D 124 -18.21 -2.62 -6.20
N GLU D 125 -18.33 -3.84 -6.69
CA GLU D 125 -17.78 -4.20 -8.01
C GLU D 125 -18.59 -3.50 -9.13
N ALA D 126 -19.79 -3.01 -8.86
CA ALA D 126 -20.68 -2.45 -9.90
C ALA D 126 -21.00 -0.97 -9.64
N ALA D 127 -20.82 -0.50 -8.42
CA ALA D 127 -21.21 0.85 -7.98
C ALA D 127 -20.21 1.90 -8.46
N LEU D 128 -20.63 3.14 -8.38
CA LEU D 128 -19.80 4.32 -8.73
C LEU D 128 -18.70 4.39 -7.69
N GLY D 129 -19.12 4.23 -6.43
CA GLY D 129 -18.31 4.57 -5.26
C GLY D 129 -18.87 3.93 -4.00
N THR D 130 -18.09 4.01 -2.93
CA THR D 130 -18.33 3.37 -1.62
C THR D 130 -17.93 4.34 -0.51
N ILE D 131 -18.78 4.49 0.49
CA ILE D 131 -18.47 5.13 1.78
C ILE D 131 -18.73 4.12 2.90
N SER D 132 -17.69 3.82 3.67
CA SER D 132 -17.74 2.84 4.76
C SER D 132 -17.15 3.42 6.03
N GLY D 133 -17.79 3.13 7.16
CA GLY D 133 -17.11 3.04 8.48
C GLY D 133 -17.40 4.21 9.37
N PHE D 134 -18.26 5.12 8.94
CA PHE D 134 -18.54 6.40 9.68
C PHE D 134 -19.89 6.32 10.40
N GLY D 135 -20.43 5.14 10.65
CA GLY D 135 -21.80 4.95 11.13
C GLY D 135 -22.80 5.72 10.27
N ALA D 136 -23.67 6.49 10.91
CA ALA D 136 -24.71 7.33 10.26
C ALA D 136 -24.06 8.37 9.32
N GLU D 137 -22.90 8.90 9.68
CA GLU D 137 -22.08 9.84 8.83
C GLU D 137 -21.84 9.22 7.44
N SER D 138 -21.73 7.89 7.32
CA SER D 138 -21.57 7.20 6.01
C SER D 138 -22.72 7.59 5.09
N TYR D 139 -23.96 7.57 5.60
CA TYR D 139 -25.16 7.97 4.83
C TYR D 139 -25.10 9.47 4.52
N SER D 140 -24.81 10.31 5.51
CA SER D 140 -24.83 11.78 5.32
C SER D 140 -23.86 12.16 4.18
N LEU D 141 -22.63 11.61 4.19
CA LEU D 141 -21.58 11.83 3.14
C LEU D 141 -22.08 11.38 1.77
N ALA D 142 -22.71 10.23 1.76
CA ALA D 142 -23.29 9.60 0.55
C ALA D 142 -24.33 10.54 -0.04
N LEU D 143 -25.18 11.11 0.81
CA LEU D 143 -26.28 11.98 0.35
C LEU D 143 -25.71 13.30 -0.20
N ASP D 144 -24.67 13.89 0.41
CA ASP D 144 -23.96 15.11 -0.09
C ASP D 144 -23.38 14.77 -1.46
N ALA D 145 -22.66 13.67 -1.59
CA ALA D 145 -21.94 13.33 -2.84
C ALA D 145 -22.96 13.13 -3.98
N ALA D 146 -24.08 12.47 -3.61
CA ALA D 146 -25.22 12.09 -4.48
C ALA D 146 -25.96 13.33 -4.98
N ALA D 147 -26.16 14.33 -4.13
CA ALA D 147 -26.76 15.63 -4.49
C ALA D 147 -25.88 16.37 -5.51
N LYS D 148 -24.55 16.31 -5.38
CA LYS D 148 -23.60 17.09 -6.24
C LYS D 148 -23.29 16.28 -7.51
N LEU D 149 -24.02 15.20 -7.82
CA LEU D 149 -23.72 14.33 -8.99
C LEU D 149 -24.35 14.97 -10.23
CAC FLC E . -5.87 1.86 -6.34
CA FLC E . -6.66 3.06 -6.84
CB FLC E . -6.01 4.43 -6.54
CBC FLC E . -6.90 5.61 -6.93
CG FLC E . -4.68 4.62 -7.31
CGC FLC E . -4.71 5.33 -8.66
OA1 FLC E . -4.65 1.73 -6.73
OA2 FLC E . -6.43 1.03 -5.54
OB1 FLC E . -6.69 6.63 -6.39
OB2 FLC E . -7.77 5.44 -7.66
OG1 FLC E . -3.74 6.12 -8.92
OG2 FLC E . -5.57 5.02 -9.50
OHB FLC E . -5.79 4.44 -5.14
C TRS F . 6.20 -4.73 -1.00
C1 TRS F . 5.03 -4.58 -0.03
C2 TRS F . 7.07 -5.96 -0.64
C3 TRS F . 5.67 -4.80 -2.44
N TRS F . 7.04 -3.49 -0.82
O1 TRS F . 4.27 -3.42 -0.31
O2 TRS F . 7.69 -5.85 0.64
O3 TRS F . 6.68 -4.72 -3.45
S SO4 G . 11.59 2.32 0.06
O1 SO4 G . 12.64 3.32 0.21
O2 SO4 G . 12.14 1.04 0.48
O3 SO4 G . 10.42 2.71 0.89
O4 SO4 G . 11.22 2.23 -1.37
CAC FLC H . 14.30 -12.83 -10.65
CA FLC H . 15.61 -13.08 -11.43
CB FLC H . 16.55 -11.86 -11.64
CBC FLC H . 17.62 -12.10 -12.72
CG FLC H . 17.30 -11.51 -10.33
CGC FLC H . 18.44 -12.42 -9.84
OA1 FLC H . 14.35 -12.28 -9.48
OA2 FLC H . 13.20 -13.19 -11.19
OB1 FLC H . 18.08 -13.19 -12.83
OB2 FLC H . 18.00 -11.14 -13.37
OG1 FLC H . 19.25 -12.87 -10.68
OG2 FLC H . 18.55 -12.64 -8.58
OHB FLC H . 15.69 -10.81 -12.07
C1 GOL I . 1.81 -19.13 -11.98
O1 GOL I . 0.92 -18.42 -12.85
C2 GOL I . 2.41 -20.34 -12.70
O2 GOL I . 3.34 -19.84 -13.67
C3 GOL I . 3.04 -21.39 -11.78
O3 GOL I . 2.20 -22.52 -11.49
CAC FLC J . 5.66 -9.57 12.83
CA FLC J . 6.14 -9.69 14.30
CB FLC J . 7.17 -8.63 14.76
CBC FLC J . 7.60 -8.73 16.24
CG FLC J . 6.56 -7.22 14.68
CGC FLC J . 5.72 -6.75 15.89
OA1 FLC J . 5.38 -10.63 12.19
OA2 FLC J . 5.52 -8.41 12.29
OB1 FLC J . 8.63 -8.15 16.54
OB2 FLC J . 6.83 -9.23 17.00
OG1 FLC J . 5.88 -7.35 17.01
OG2 FLC J . 4.92 -5.75 15.73
OHB FLC J . 8.32 -8.87 13.96
CAC FLC K . -21.67 -5.52 5.94
CA FLC K . -21.67 -4.23 6.82
CB FLC K . -22.95 -3.37 6.80
CBC FLC K . -22.85 -2.10 7.65
CG FLC K . -24.08 -4.17 7.47
CGC FLC K . -24.25 -3.96 8.97
OA1 FLC K . -20.92 -5.55 4.87
OA2 FLC K . -22.41 -6.49 6.31
OB1 FLC K . -21.99 -2.04 8.43
OB2 FLC K . -23.77 -1.29 7.57
OG1 FLC K . -23.41 -3.23 9.55
OG2 FLC K . -25.20 -4.51 9.58
OHB FLC K . -23.23 -2.98 5.48
C TRS L . -28.26 -15.92 -2.12
C1 TRS L . -28.36 -14.47 -2.58
C2 TRS L . -28.71 -16.06 -0.67
C3 TRS L . -29.08 -16.83 -3.03
N TRS L . -26.83 -16.35 -2.22
O1 TRS L . -27.08 -13.86 -2.67
O2 TRS L . -28.02 -17.09 0.02
O3 TRS L . -28.29 -17.53 -3.97
S SO4 M . -36.78 -13.33 -1.56
O1 SO4 M . -36.69 -14.50 -2.39
O2 SO4 M . -35.99 -12.27 -2.15
O3 SO4 M . -38.15 -12.91 -1.47
O4 SO4 M . -36.28 -13.63 -0.24
#